data_7R5D
#
_entry.id   7R5D
#
_cell.length_a   45.370
_cell.length_b   68.800
_cell.length_c   160.940
_cell.angle_alpha   90.000
_cell.angle_beta   90.000
_cell.angle_gamma   90.000
#
_symmetry.space_group_name_H-M   'P 21 21 21'
#
loop_
_entity.id
_entity.type
_entity.pdbx_description
1 polymer 'Protein mono-ADP-ribosyltransferase PARP15'
2 non-polymer 6-propan-2-yl-[1,2,4]triazolo[3,4-b][1,3]benzothiazole
3 non-polymer 'DIMETHYL SULFOXIDE'
4 water water
#
_entity_poly.entity_id   1
_entity_poly.type   'polypeptide(L)'
_entity_poly.pdbx_seq_one_letter_code
;MHHHHHHSSGVDLGTENLYFQSMNLPEHWTDMNHQLFCMVQLEPGQSEYNTIKDKFTRTCSSYAIEKIERIQNAFLWQSY
QVKKRQMDIKNDHKNNERLLFHGTDADSVPYVNQHGFNRSCAGKNAVSYGKGTYFAVDASYSAKDTYSKPDSNGRKHMYV
VRVLTGVFTKGRAGLVTPPPKNPHNPTDLFDSVTNNTRSPKLFVVFFDNQAYPEYLITFTA
;
_entity_poly.pdbx_strand_id   A,B
#
# COMPACT_ATOMS: atom_id res chain seq x y z
N ASN A 24 12.86 -4.39 15.59
CA ASN A 24 12.91 -3.38 16.70
C ASN A 24 11.49 -3.13 17.23
N LEU A 25 10.93 -4.12 17.94
CA LEU A 25 9.51 -4.14 18.39
C LEU A 25 9.38 -3.39 19.73
N PRO A 26 8.40 -2.45 19.88
CA PRO A 26 8.44 -1.47 20.96
C PRO A 26 8.49 -2.08 22.37
N GLU A 27 9.09 -1.34 23.32
CA GLU A 27 9.31 -1.72 24.74
C GLU A 27 8.02 -2.30 25.34
N HIS A 28 6.92 -1.55 25.25
CA HIS A 28 5.66 -1.82 25.98
C HIS A 28 4.99 -3.11 25.48
N TRP A 29 5.28 -3.56 24.26
CA TRP A 29 4.80 -4.87 23.74
C TRP A 29 5.27 -5.95 24.70
N THR A 30 4.47 -7.01 24.81
CA THR A 30 4.76 -8.21 25.63
C THR A 30 5.16 -9.34 24.68
N ASP A 31 5.91 -10.28 25.22
CA ASP A 31 6.63 -11.37 24.51
C ASP A 31 5.62 -12.19 23.72
N MET A 32 5.99 -12.65 22.53
CA MET A 32 5.03 -13.29 21.60
C MET A 32 5.41 -14.76 21.30
N ASN A 33 6.36 -15.33 22.03
CA ASN A 33 6.82 -16.75 21.89
C ASN A 33 7.23 -17.02 20.45
N HIS A 34 7.90 -16.04 19.82
CA HIS A 34 8.38 -16.05 18.41
C HIS A 34 7.21 -15.96 17.41
N GLN A 35 6.01 -15.59 17.84
CA GLN A 35 4.87 -15.29 16.93
C GLN A 35 5.02 -13.85 16.40
N LEU A 36 4.27 -13.51 15.35
CA LEU A 36 4.37 -12.25 14.57
C LEU A 36 3.11 -11.38 14.78
N PHE A 37 2.00 -11.98 15.19
CA PHE A 37 0.73 -11.31 15.54
C PHE A 37 0.22 -11.83 16.90
N CYS A 38 -0.22 -10.93 17.78
CA CYS A 38 -1.25 -11.28 18.80
C CYS A 38 -1.96 -10.04 19.32
N MET A 39 -3.16 -10.26 19.83
CA MET A 39 -3.97 -9.25 20.55
C MET A 39 -3.78 -9.48 22.05
N VAL A 40 -3.31 -8.47 22.76
CA VAL A 40 -3.02 -8.56 24.21
C VAL A 40 -4.04 -7.67 24.92
N GLN A 41 -4.97 -8.29 25.64
CA GLN A 41 -5.92 -7.58 26.51
C GLN A 41 -5.12 -6.82 27.58
N LEU A 42 -5.39 -5.53 27.74
CA LEU A 42 -4.76 -4.64 28.77
C LEU A 42 -5.41 -4.86 30.14
N GLU A 43 -4.59 -4.82 31.19
CA GLU A 43 -5.01 -4.85 32.62
C GLU A 43 -5.74 -3.54 32.93
N PRO A 44 -7.04 -3.56 33.32
CA PRO A 44 -7.72 -2.35 33.78
C PRO A 44 -7.00 -1.74 34.99
N GLY A 45 -6.93 -0.41 35.06
CA GLY A 45 -6.33 0.35 36.17
C GLY A 45 -4.81 0.49 36.05
N GLN A 46 -4.16 -0.10 35.05
CA GLN A 46 -2.70 0.11 34.85
C GLN A 46 -2.48 1.23 33.83
N SER A 47 -1.26 1.74 33.77
CA SER A 47 -0.86 3.00 33.10
C SER A 47 -1.31 3.06 31.63
N GLU A 48 -1.00 2.03 30.85
CA GLU A 48 -1.24 1.98 29.38
C GLU A 48 -2.75 1.99 29.15
N TYR A 49 -3.49 1.17 29.90
CA TYR A 49 -4.97 1.10 29.89
C TYR A 49 -5.56 2.47 30.22
N ASN A 50 -5.05 3.16 31.25
CA ASN A 50 -5.60 4.46 31.74
C ASN A 50 -5.36 5.53 30.67
N THR A 51 -4.15 5.56 30.09
CA THR A 51 -3.79 6.51 29.01
C THR A 51 -4.81 6.39 27.87
N ILE A 52 -5.09 5.17 27.41
CA ILE A 52 -5.92 4.91 26.20
C ILE A 52 -7.39 5.17 26.56
N LYS A 53 -7.83 4.71 27.74
CA LYS A 53 -9.18 5.00 28.30
C LYS A 53 -9.41 6.51 28.33
N ASP A 54 -8.45 7.30 28.83
CA ASP A 54 -8.62 8.77 28.94
C ASP A 54 -8.81 9.38 27.54
N LYS A 55 -8.02 8.99 26.56
CA LYS A 55 -8.15 9.50 25.16
C LYS A 55 -9.60 9.30 24.69
N PHE A 56 -10.17 8.14 25.01
CA PHE A 56 -11.53 7.75 24.59
C PHE A 56 -12.57 8.59 25.36
N THR A 57 -12.47 8.59 26.69
CA THR A 57 -13.47 9.17 27.63
C THR A 57 -13.51 10.71 27.51
N ARG A 58 -12.45 11.33 26.99
CA ARG A 58 -12.40 12.79 26.68
C ARG A 58 -13.67 13.23 25.93
N THR A 59 -14.27 12.36 25.10
CA THR A 59 -15.48 12.69 24.30
C THR A 59 -16.54 11.58 24.33
N CYS A 60 -16.26 10.43 24.96
CA CYS A 60 -17.14 9.23 24.97
C CYS A 60 -17.37 8.72 26.41
N SER A 61 -17.49 9.62 27.41
CA SER A 61 -17.57 9.22 28.85
C SER A 61 -18.92 8.57 29.16
N SER A 62 -19.93 8.71 28.29
CA SER A 62 -21.27 8.10 28.46
C SER A 62 -21.27 6.64 27.99
N TYR A 63 -20.21 6.17 27.34
CA TYR A 63 -20.09 4.78 26.82
C TYR A 63 -19.41 3.92 27.90
N ALA A 64 -19.67 2.61 27.91
CA ALA A 64 -19.04 1.63 28.82
C ALA A 64 -17.96 0.86 28.06
N ILE A 65 -16.72 0.91 28.55
CA ILE A 65 -15.54 0.15 28.03
C ILE A 65 -15.64 -1.28 28.58
N GLU A 66 -15.75 -2.27 27.70
CA GLU A 66 -15.69 -3.70 28.05
C GLU A 66 -14.22 -4.15 28.03
N LYS A 67 -13.43 -3.78 27.01
CA LYS A 67 -11.98 -4.09 27.07
C LYS A 67 -11.20 -3.23 26.10
N ILE A 68 -9.89 -3.18 26.32
CA ILE A 68 -8.94 -2.55 25.38
C ILE A 68 -7.85 -3.59 25.12
N GLU A 69 -7.58 -3.85 23.83
CA GLU A 69 -6.53 -4.81 23.38
C GLU A 69 -5.44 -4.03 22.66
N ARG A 70 -4.19 -4.33 23.00
CA ARG A 70 -2.99 -3.89 22.26
C ARG A 70 -2.81 -4.78 21.02
N ILE A 71 -2.77 -4.16 19.83
CA ILE A 71 -2.51 -4.89 18.56
C ILE A 71 -1.00 -5.02 18.37
N GLN A 72 -0.48 -6.25 18.41
CA GLN A 72 0.96 -6.53 18.21
C GLN A 72 1.09 -7.24 16.86
N ASN A 73 1.27 -6.47 15.81
CA ASN A 73 1.46 -6.95 14.42
C ASN A 73 2.85 -6.53 13.98
N ALA A 74 3.82 -7.43 14.06
CA ALA A 74 5.22 -7.16 13.72
C ALA A 74 5.30 -6.63 12.29
N PHE A 75 4.63 -7.25 11.33
CA PHE A 75 4.75 -6.91 9.89
C PHE A 75 4.12 -5.54 9.58
N LEU A 76 2.96 -5.26 10.17
CA LEU A 76 2.27 -3.96 9.98
C LEU A 76 3.15 -2.89 10.58
N TRP A 77 3.71 -3.17 11.75
CA TRP A 77 4.58 -2.24 12.52
C TRP A 77 5.85 -1.91 11.69
N GLN A 78 6.50 -2.91 11.09
CA GLN A 78 7.75 -2.72 10.32
C GLN A 78 7.44 -1.81 9.12
N SER A 79 6.40 -2.13 8.36
CA SER A 79 5.98 -1.38 7.15
C SER A 79 5.62 0.05 7.50
N TYR A 80 4.82 0.25 8.57
CA TYR A 80 4.50 1.60 9.08
C TYR A 80 5.78 2.36 9.46
N GLN A 81 6.71 1.74 10.19
CA GLN A 81 7.92 2.43 10.72
C GLN A 81 8.78 2.90 9.54
N VAL A 82 8.92 2.03 8.54
CA VAL A 82 9.69 2.34 7.32
C VAL A 82 9.08 3.62 6.70
N LYS A 83 7.76 3.65 6.52
CA LYS A 83 7.07 4.84 5.92
C LYS A 83 7.25 6.04 6.86
N LYS A 84 7.16 5.87 8.18
CA LYS A 84 7.44 6.99 9.13
C LYS A 84 8.84 7.58 8.88
N ARG A 85 9.88 6.78 8.83
CA ARG A 85 11.29 7.25 8.63
C ARG A 85 11.40 8.01 7.31
N GLN A 86 10.78 7.49 6.24
CA GLN A 86 10.74 8.10 4.89
C GLN A 86 10.11 9.49 4.96
N MET A 87 8.99 9.61 5.66
CA MET A 87 8.24 10.91 5.77
C MET A 87 9.02 11.85 6.70
N ASP A 88 9.68 11.36 7.76
CA ASP A 88 10.57 12.19 8.61
C ASP A 88 11.70 12.82 7.76
N ILE A 89 12.31 12.05 6.86
CA ILE A 89 13.36 12.52 5.90
C ILE A 89 12.75 13.48 4.88
N LYS A 90 11.66 13.06 4.22
CA LYS A 90 10.98 13.83 3.14
C LYS A 90 10.63 15.24 3.66
N ASN A 91 10.04 15.34 4.85
CA ASN A 91 9.45 16.59 5.38
C ASN A 91 10.48 17.35 6.23
N ASP A 92 11.61 16.74 6.62
CA ASP A 92 12.76 17.42 7.27
C ASP A 92 12.36 17.92 8.67
N HIS A 93 11.33 17.32 9.26
CA HIS A 93 10.93 17.51 10.67
C HIS A 93 10.34 16.16 11.11
N LYS A 94 9.87 16.04 12.35
CA LYS A 94 9.48 14.72 12.96
C LYS A 94 8.07 14.80 13.57
N ASN A 95 7.18 15.62 13.02
CA ASN A 95 5.82 15.89 13.55
C ASN A 95 4.77 15.39 12.55
N ASN A 96 4.98 14.18 12.03
CA ASN A 96 4.18 13.63 10.89
C ASN A 96 3.05 12.71 11.38
N GLU A 97 3.06 12.38 12.68
CA GLU A 97 2.25 11.30 13.29
C GLU A 97 1.20 11.93 14.23
N ARG A 98 -0.03 11.44 14.15
CA ARG A 98 -1.19 11.79 15.03
C ARG A 98 -1.87 10.50 15.50
N LEU A 99 -2.48 10.56 16.68
CA LEU A 99 -3.24 9.42 17.25
C LEU A 99 -4.71 9.74 17.00
N LEU A 100 -5.34 8.96 16.12
CA LEU A 100 -6.74 9.20 15.69
C LEU A 100 -7.58 7.94 15.95
N PHE A 101 -8.88 8.03 15.65
CA PHE A 101 -9.87 6.98 15.96
C PHE A 101 -10.43 6.45 14.64
N HIS A 102 -10.70 5.16 14.60
CA HIS A 102 -11.40 4.57 13.43
C HIS A 102 -12.44 3.62 13.99
N GLY A 103 -13.71 3.85 13.65
CA GLY A 103 -14.81 2.94 14.02
C GLY A 103 -15.16 2.06 12.86
N THR A 104 -15.42 0.79 13.12
CA THR A 104 -15.78 -0.19 12.07
C THR A 104 -16.72 -1.26 12.63
N ASP A 105 -17.33 -2.02 11.72
CA ASP A 105 -18.23 -3.17 12.01
C ASP A 105 -17.37 -4.33 12.49
N ALA A 106 -17.97 -5.23 13.28
CA ALA A 106 -17.33 -6.44 13.85
C ALA A 106 -16.77 -7.35 12.75
N ASP A 107 -17.40 -7.41 11.58
CA ASP A 107 -16.99 -8.36 10.52
C ASP A 107 -15.66 -7.90 9.87
N SER A 108 -15.24 -6.63 10.06
CA SER A 108 -13.99 -6.06 9.50
C SER A 108 -12.82 -6.12 10.50
N VAL A 109 -13.07 -6.36 11.77
CA VAL A 109 -12.04 -6.31 12.84
C VAL A 109 -10.90 -7.27 12.56
N PRO A 110 -11.15 -8.56 12.24
CA PRO A 110 -10.06 -9.51 11.98
C PRO A 110 -9.12 -9.13 10.83
N TYR A 111 -9.67 -8.62 9.75
CA TYR A 111 -8.86 -8.12 8.60
C TYR A 111 -7.96 -6.98 9.08
N VAL A 112 -8.52 -5.99 9.77
CA VAL A 112 -7.77 -4.77 10.19
C VAL A 112 -6.63 -5.18 11.13
N ASN A 113 -6.89 -6.09 12.08
CA ASN A 113 -5.89 -6.57 13.06
C ASN A 113 -4.70 -7.16 12.31
N GLN A 114 -4.98 -7.89 11.23
CA GLN A 114 -3.97 -8.66 10.47
C GLN A 114 -3.42 -7.80 9.31
N HIS A 115 -4.25 -7.03 8.61
CA HIS A 115 -3.79 -6.35 7.36
C HIS A 115 -3.83 -4.81 7.44
N GLY A 116 -4.32 -4.23 8.55
CA GLY A 116 -4.46 -2.76 8.67
C GLY A 116 -5.59 -2.24 7.81
N PHE A 117 -5.47 -1.00 7.37
CA PHE A 117 -6.52 -0.21 6.66
C PHE A 117 -6.29 -0.33 5.15
N ASN A 118 -7.38 -0.49 4.41
CA ASN A 118 -7.41 -0.77 2.95
C ASN A 118 -8.49 0.11 2.33
N ARG A 119 -8.09 1.13 1.56
CA ARG A 119 -8.99 2.09 0.87
C ARG A 119 -9.96 1.36 -0.09
N SER A 120 -9.62 0.15 -0.56
CA SER A 120 -10.38 -0.61 -1.59
C SER A 120 -11.63 -1.30 -0.99
N CYS A 121 -11.80 -1.33 0.34
CA CYS A 121 -12.93 -2.01 1.03
C CYS A 121 -14.14 -1.07 1.12
N ALA A 126 -19.54 7.17 3.22
CA ALA A 126 -19.28 8.35 2.35
C ALA A 126 -17.76 8.58 2.23
N VAL A 127 -17.35 9.30 1.17
CA VAL A 127 -15.94 9.51 0.72
C VAL A 127 -15.79 10.92 0.11
N SER A 128 -16.41 11.87 0.82
CA SER A 128 -16.57 13.31 0.51
C SER A 128 -15.22 14.01 0.40
N TYR A 129 -14.18 13.55 1.11
CA TYR A 129 -12.87 14.22 1.10
C TYR A 129 -11.84 13.37 0.36
N GLY A 130 -12.28 12.29 -0.29
CA GLY A 130 -11.47 11.48 -1.20
C GLY A 130 -11.67 10.00 -0.92
N LYS A 131 -11.16 9.13 -1.81
CA LYS A 131 -11.25 7.65 -1.67
C LYS A 131 -10.01 7.10 -0.97
N GLY A 132 -9.93 7.32 0.35
CA GLY A 132 -8.95 6.71 1.25
C GLY A 132 -9.62 6.22 2.52
N THR A 133 -8.87 6.04 3.59
CA THR A 133 -9.40 5.63 4.91
C THR A 133 -9.53 6.86 5.81
N TYR A 134 -10.64 6.94 6.55
CA TYR A 134 -11.06 8.09 7.37
C TYR A 134 -10.67 7.81 8.82
N PHE A 135 -10.07 8.80 9.47
CA PHE A 135 -9.69 8.79 10.90
C PHE A 135 -10.20 10.08 11.56
N ALA A 136 -10.77 9.98 12.76
CA ALA A 136 -11.37 11.10 13.50
C ALA A 136 -10.42 11.58 14.59
N VAL A 137 -10.40 12.88 14.84
CA VAL A 137 -9.67 13.47 16.00
C VAL A 137 -10.34 13.03 17.30
N ASP A 138 -11.67 13.02 17.35
CA ASP A 138 -12.46 12.68 18.57
C ASP A 138 -13.11 11.30 18.44
N ALA A 139 -13.05 10.52 19.52
CA ALA A 139 -13.75 9.21 19.61
C ALA A 139 -15.26 9.36 19.38
N SER A 140 -15.89 10.51 19.73
CA SER A 140 -17.35 10.75 19.53
C SER A 140 -17.71 10.57 18.05
N TYR A 141 -16.86 11.06 17.13
CA TYR A 141 -17.13 10.96 15.67
C TYR A 141 -17.19 9.48 15.26
N SER A 142 -16.16 8.72 15.62
CA SER A 142 -15.99 7.26 15.34
C SER A 142 -17.04 6.43 16.09
N ALA A 143 -17.58 6.94 17.18
CA ALA A 143 -18.59 6.24 18.02
C ALA A 143 -19.99 6.26 17.38
N LYS A 144 -20.24 7.05 16.34
CA LYS A 144 -21.51 6.96 15.56
C LYS A 144 -21.71 5.52 15.07
N ASP A 145 -22.95 5.05 15.04
CA ASP A 145 -23.29 3.64 14.68
C ASP A 145 -22.97 3.40 13.20
N THR A 146 -23.00 4.45 12.38
CA THR A 146 -22.68 4.35 10.94
C THR A 146 -21.22 3.89 10.73
N TYR A 147 -20.31 4.12 11.69
CA TYR A 147 -18.90 3.63 11.60
C TYR A 147 -18.70 2.43 12.53
N SER A 148 -18.77 2.63 13.85
CA SER A 148 -18.65 1.54 14.87
C SER A 148 -20.02 0.86 15.04
N LYS A 149 -20.43 0.08 14.05
CA LYS A 149 -21.78 -0.54 13.94
C LYS A 149 -21.97 -1.52 15.09
N PRO A 150 -23.05 -1.37 15.90
CA PRO A 150 -23.34 -2.32 16.97
C PRO A 150 -23.57 -3.73 16.41
N ASP A 151 -22.93 -4.77 16.96
CA ASP A 151 -23.17 -6.19 16.57
C ASP A 151 -24.40 -6.71 17.33
N SER A 152 -24.70 -8.01 17.24
CA SER A 152 -25.94 -8.62 17.80
C SER A 152 -26.18 -8.12 19.24
N ASN A 153 -25.16 -8.14 20.10
CA ASN A 153 -25.32 -7.84 21.55
C ASN A 153 -25.01 -6.37 21.86
N GLY A 154 -24.95 -5.50 20.85
CA GLY A 154 -24.78 -4.04 21.04
C GLY A 154 -23.32 -3.64 21.24
N ARG A 155 -22.39 -4.56 20.97
CA ARG A 155 -20.94 -4.30 21.09
C ARG A 155 -20.48 -3.47 19.89
N LYS A 156 -19.82 -2.33 20.16
CA LYS A 156 -19.24 -1.42 19.16
C LYS A 156 -17.70 -1.52 19.20
N HIS A 157 -17.04 -1.16 18.09
CA HIS A 157 -15.59 -1.38 17.87
C HIS A 157 -14.92 -0.13 17.29
N MET A 158 -13.87 0.32 17.97
CA MET A 158 -13.11 1.53 17.58
C MET A 158 -11.62 1.23 17.75
N TYR A 159 -10.83 1.58 16.75
CA TYR A 159 -9.35 1.51 16.82
C TYR A 159 -8.82 2.86 17.26
N VAL A 160 -7.75 2.84 18.07
CA VAL A 160 -6.81 3.97 18.29
C VAL A 160 -5.66 3.71 17.31
N VAL A 161 -5.35 4.69 16.46
CA VAL A 161 -4.49 4.48 15.26
C VAL A 161 -3.39 5.53 15.25
N ARG A 162 -2.14 5.08 15.09
CA ARG A 162 -1.03 5.95 14.64
C ARG A 162 -1.22 6.25 13.14
N VAL A 163 -1.36 7.51 12.79
CA VAL A 163 -1.54 7.93 11.36
C VAL A 163 -0.46 8.95 10.97
N LEU A 164 0.19 8.68 9.85
CA LEU A 164 1.18 9.59 9.24
C LEU A 164 0.43 10.62 8.41
N THR A 165 -0.09 11.64 9.10
CA THR A 165 -0.84 12.78 8.52
C THR A 165 0.14 13.73 7.80
N GLY A 166 1.37 13.83 8.27
CA GLY A 166 2.41 14.69 7.67
C GLY A 166 1.90 16.08 7.34
N VAL A 167 2.25 16.62 6.17
CA VAL A 167 1.75 17.93 5.66
C VAL A 167 0.40 17.69 4.96
N PHE A 168 -0.64 18.41 5.37
CA PHE A 168 -2.03 18.14 4.89
C PHE A 168 -2.63 19.39 4.26
N THR A 169 -3.68 19.16 3.50
CA THR A 169 -4.48 20.18 2.78
C THR A 169 -5.94 19.75 2.84
N LYS A 170 -6.83 20.64 2.42
CA LYS A 170 -8.27 20.33 2.37
C LYS A 170 -8.51 19.31 1.25
N GLY A 171 -9.32 18.30 1.51
CA GLY A 171 -9.67 17.34 0.46
C GLY A 171 -10.95 17.74 -0.25
N ARG A 172 -11.39 16.87 -1.16
CA ARG A 172 -12.62 17.00 -1.96
C ARG A 172 -12.96 15.62 -2.53
N ALA A 173 -14.20 15.43 -2.96
CA ALA A 173 -14.75 14.17 -3.51
C ALA A 173 -13.92 13.72 -4.70
N GLY A 174 -13.71 12.41 -4.83
CA GLY A 174 -13.10 11.74 -6.01
C GLY A 174 -11.57 11.77 -6.02
N LEU A 175 -10.90 12.35 -5.03
CA LEU A 175 -9.42 12.19 -4.87
C LEU A 175 -9.08 10.71 -4.73
N VAL A 176 -8.09 10.22 -5.48
CA VAL A 176 -7.54 8.84 -5.38
C VAL A 176 -6.18 8.88 -4.66
N THR A 177 -5.51 10.04 -4.67
CA THR A 177 -4.33 10.33 -3.82
C THR A 177 -4.46 11.76 -3.33
N PRO A 178 -3.62 12.24 -2.38
CA PRO A 178 -3.67 13.64 -1.99
C PRO A 178 -3.21 14.51 -3.15
N PRO A 179 -3.55 15.81 -3.18
CA PRO A 179 -3.13 16.68 -4.28
C PRO A 179 -1.63 16.95 -4.21
N PRO A 180 -1.04 17.52 -5.28
CA PRO A 180 0.33 18.00 -5.24
C PRO A 180 0.43 19.30 -4.44
N LYS A 181 1.57 19.52 -3.77
CA LYS A 181 1.88 20.79 -3.04
C LYS A 181 2.03 21.94 -4.03
N ASN A 182 2.67 21.69 -5.17
CA ASN A 182 2.79 22.66 -6.30
C ASN A 182 2.32 21.96 -7.57
N PRO A 183 1.27 22.46 -8.26
CA PRO A 183 0.90 21.91 -9.57
C PRO A 183 2.05 21.95 -10.60
N HIS A 184 3.06 22.82 -10.41
CA HIS A 184 4.32 22.87 -11.20
C HIS A 184 5.04 21.51 -11.12
N ASN A 185 5.02 20.87 -9.95
CA ASN A 185 5.70 19.57 -9.66
C ASN A 185 4.65 18.55 -9.21
N PRO A 186 3.87 17.98 -10.16
CA PRO A 186 2.70 17.18 -9.82
C PRO A 186 2.92 15.86 -9.06
N THR A 187 4.16 15.45 -8.74
CA THR A 187 4.40 14.16 -8.04
C THR A 187 4.84 14.38 -6.59
N ASP A 188 5.18 15.62 -6.22
CA ASP A 188 5.49 15.99 -4.81
C ASP A 188 4.16 16.30 -4.11
N LEU A 189 3.57 15.31 -3.44
CA LEU A 189 2.18 15.34 -2.91
C LEU A 189 2.16 15.75 -1.44
N PHE A 190 1.02 16.26 -0.97
CA PHE A 190 0.61 16.21 0.47
C PHE A 190 0.60 14.76 0.96
N ASP A 191 0.76 14.56 2.27
CA ASP A 191 0.74 13.23 2.93
C ASP A 191 -0.68 12.79 3.23
N SER A 192 -1.57 13.74 3.49
CA SER A 192 -2.99 13.45 3.82
C SER A 192 -3.87 14.64 3.41
N VAL A 193 -5.19 14.46 3.44
CA VAL A 193 -6.15 15.59 3.36
C VAL A 193 -7.00 15.66 4.63
N THR A 194 -7.64 16.80 4.85
CA THR A 194 -8.52 16.99 6.03
C THR A 194 -9.84 17.66 5.60
N ASN A 195 -10.81 17.77 6.50
CA ASN A 195 -12.07 18.52 6.27
C ASN A 195 -11.79 20.03 6.38
N ASN A 196 -10.85 20.38 7.24
CA ASN A 196 -10.54 21.78 7.65
C ASN A 196 -9.08 21.82 8.10
N THR A 197 -8.26 22.65 7.46
CA THR A 197 -6.79 22.78 7.71
C THR A 197 -6.54 23.54 9.01
N ARG A 198 -7.37 24.54 9.32
CA ARG A 198 -7.18 25.40 10.52
C ARG A 198 -7.60 24.63 11.79
N SER A 199 -8.67 23.83 11.74
CA SER A 199 -9.18 23.05 12.89
C SER A 199 -9.69 21.69 12.43
N PRO A 200 -8.80 20.74 12.09
CA PRO A 200 -9.22 19.45 11.53
C PRO A 200 -10.00 18.61 12.55
N LYS A 201 -10.96 17.85 12.04
CA LYS A 201 -11.69 16.83 12.84
C LYS A 201 -11.58 15.45 12.19
N LEU A 202 -11.03 15.36 10.98
CA LEU A 202 -10.78 14.05 10.33
C LEU A 202 -9.64 14.16 9.32
N PHE A 203 -8.97 13.04 9.09
CA PHE A 203 -7.88 12.91 8.10
C PHE A 203 -8.19 11.69 7.25
N VAL A 204 -7.66 11.72 6.03
CA VAL A 204 -7.81 10.65 5.03
C VAL A 204 -6.41 10.33 4.52
N VAL A 205 -6.05 9.04 4.51
CA VAL A 205 -4.76 8.58 3.94
C VAL A 205 -5.11 7.62 2.81
N PHE A 206 -4.29 7.63 1.77
CA PHE A 206 -4.59 6.96 0.48
C PHE A 206 -3.57 5.84 0.19
N PHE A 207 -2.68 5.56 1.12
CA PHE A 207 -1.63 4.52 0.95
C PHE A 207 -1.63 3.57 2.14
N ASP A 208 -1.36 2.30 1.81
CA ASP A 208 -1.13 1.20 2.76
C ASP A 208 0.05 1.63 3.64
N ASN A 209 -0.03 1.33 4.94
CA ASN A 209 1.13 1.40 5.87
C ASN A 209 1.39 2.86 6.23
N GLN A 210 0.40 3.72 6.08
CA GLN A 210 0.43 5.11 6.60
C GLN A 210 -0.31 5.14 7.94
N ALA A 211 -0.95 4.04 8.34
CA ALA A 211 -1.75 3.90 9.59
C ALA A 211 -1.39 2.59 10.28
N TYR A 212 -1.09 2.60 11.57
CA TYR A 212 -0.91 1.36 12.38
C TYR A 212 -2.03 1.29 13.40
N PRO A 213 -2.88 0.23 13.36
CA PRO A 213 -3.93 0.06 14.36
C PRO A 213 -3.29 -0.41 15.68
N GLU A 214 -3.26 0.45 16.71
CA GLU A 214 -2.43 0.25 17.92
C GLU A 214 -3.27 -0.33 19.07
N TYR A 215 -4.51 0.13 19.25
CA TYR A 215 -5.43 -0.41 20.28
C TYR A 215 -6.83 -0.59 19.71
N LEU A 216 -7.51 -1.69 20.08
CA LEU A 216 -8.94 -1.90 19.77
C LEU A 216 -9.77 -1.73 21.04
N ILE A 217 -10.79 -0.89 20.96
CA ILE A 217 -11.70 -0.59 22.12
C ILE A 217 -13.01 -1.32 21.86
N THR A 218 -13.37 -2.26 22.72
CA THR A 218 -14.70 -2.89 22.70
C THR A 218 -15.54 -2.12 23.74
N PHE A 219 -16.68 -1.55 23.32
CA PHE A 219 -17.54 -0.68 24.16
C PHE A 219 -19.00 -0.81 23.74
N THR A 220 -19.87 -0.18 24.54
CA THR A 220 -21.34 -0.21 24.37
C THR A 220 -21.89 1.16 24.69
N ALA A 221 -23.01 1.51 24.05
CA ALA A 221 -23.81 2.73 24.31
C ALA A 221 -24.44 2.64 25.70
N ASN B 24 20.06 -0.22 2.78
CA ASN B 24 20.23 -1.52 2.05
C ASN B 24 20.20 -1.28 0.53
N LEU B 25 20.60 -0.09 0.04
CA LEU B 25 20.52 0.25 -1.40
C LEU B 25 21.53 -0.59 -2.16
N PRO B 26 21.14 -1.25 -3.28
CA PRO B 26 22.02 -2.20 -3.97
C PRO B 26 23.28 -1.54 -4.53
N GLU B 27 24.42 -2.24 -4.46
CA GLU B 27 25.78 -1.68 -4.63
C GLU B 27 26.14 -1.36 -6.09
N HIS B 28 25.46 -1.93 -7.08
CA HIS B 28 25.71 -1.62 -8.52
C HIS B 28 24.98 -0.34 -8.93
N TRP B 29 24.02 0.17 -8.11
CA TRP B 29 23.34 1.46 -8.39
C TRP B 29 24.41 2.57 -8.47
N THR B 30 24.20 3.60 -9.28
CA THR B 30 25.05 4.82 -9.28
C THR B 30 24.89 5.52 -7.92
N ASP B 31 25.93 6.23 -7.47
CA ASP B 31 25.84 7.11 -6.27
C ASP B 31 24.80 8.17 -6.62
N MET B 32 23.84 8.42 -5.75
CA MET B 32 22.79 9.44 -6.00
C MET B 32 23.11 10.76 -5.28
N ASN B 33 24.02 10.77 -4.30
CA ASN B 33 24.49 12.02 -3.62
C ASN B 33 23.36 12.57 -2.76
N HIS B 34 22.92 11.81 -1.75
CA HIS B 34 21.83 12.16 -0.80
C HIS B 34 20.50 12.38 -1.55
N GLN B 35 20.46 12.15 -2.87
CA GLN B 35 19.23 12.19 -3.72
C GLN B 35 18.47 10.87 -3.55
N LEU B 36 17.14 10.93 -3.59
CA LEU B 36 16.24 9.80 -3.27
C LEU B 36 15.86 9.06 -4.56
N PHE B 37 16.02 9.69 -5.73
CA PHE B 37 15.50 9.16 -7.02
C PHE B 37 16.41 9.52 -8.20
N CYS B 38 16.58 8.58 -9.13
CA CYS B 38 17.38 8.75 -10.36
C CYS B 38 16.96 7.73 -11.42
N MET B 39 16.90 8.18 -12.68
CA MET B 39 16.83 7.32 -13.91
C MET B 39 18.24 7.19 -14.50
N VAL B 40 18.73 5.95 -14.64
CA VAL B 40 20.07 5.67 -15.20
C VAL B 40 19.94 4.97 -16.57
N GLN B 41 20.39 5.67 -17.58
CA GLN B 41 20.46 5.17 -18.99
C GLN B 41 21.45 4.02 -19.08
N LEU B 42 20.98 2.84 -19.48
CA LEU B 42 21.82 1.67 -19.74
C LEU B 42 22.50 1.77 -21.11
N GLU B 43 23.63 1.11 -21.24
CA GLU B 43 24.44 1.07 -22.49
C GLU B 43 24.22 -0.29 -23.12
N PRO B 44 23.79 -0.37 -24.40
CA PRO B 44 23.80 -1.64 -25.13
C PRO B 44 25.21 -2.27 -25.03
N GLY B 45 25.33 -3.58 -25.05
CA GLY B 45 26.63 -4.25 -24.85
C GLY B 45 26.86 -4.69 -23.42
N GLN B 46 26.32 -3.97 -22.44
CA GLN B 46 26.26 -4.43 -21.03
C GLN B 46 25.22 -5.56 -20.90
N SER B 47 25.56 -6.57 -20.10
CA SER B 47 24.68 -7.71 -19.71
C SER B 47 23.34 -7.17 -19.20
N GLU B 48 23.39 -6.11 -18.38
CA GLU B 48 22.19 -5.53 -17.75
C GLU B 48 21.23 -5.07 -18.88
N TYR B 49 21.73 -4.37 -19.91
CA TYR B 49 20.90 -3.93 -21.07
C TYR B 49 20.44 -5.17 -21.85
N ASN B 50 21.40 -6.03 -22.20
CA ASN B 50 21.17 -7.16 -23.15
C ASN B 50 20.08 -8.09 -22.61
N THR B 51 20.08 -8.39 -21.31
CA THR B 51 19.10 -9.31 -20.70
C THR B 51 17.69 -8.72 -20.87
N ILE B 52 17.50 -7.43 -20.61
CA ILE B 52 16.16 -6.78 -20.73
C ILE B 52 15.75 -6.76 -22.20
N LYS B 53 16.66 -6.37 -23.10
CA LYS B 53 16.37 -6.34 -24.56
C LYS B 53 15.93 -7.75 -25.02
N ASP B 54 16.67 -8.79 -24.67
CA ASP B 54 16.33 -10.19 -25.03
C ASP B 54 14.96 -10.57 -24.47
N LYS B 55 14.75 -10.37 -23.17
CA LYS B 55 13.45 -10.67 -22.51
C LYS B 55 12.30 -9.98 -23.25
N PHE B 56 12.51 -8.74 -23.69
CA PHE B 56 11.51 -7.95 -24.46
C PHE B 56 11.33 -8.53 -25.87
N THR B 57 12.43 -8.77 -26.60
CA THR B 57 12.40 -9.14 -28.04
C THR B 57 11.87 -10.57 -28.21
N ARG B 58 12.04 -11.42 -27.21
CA ARG B 58 11.48 -12.79 -27.19
C ARG B 58 10.03 -12.76 -27.72
N THR B 59 9.21 -11.75 -27.42
CA THR B 59 7.78 -11.71 -27.88
C THR B 59 7.43 -10.41 -28.66
N CYS B 60 8.25 -9.35 -28.63
CA CYS B 60 8.07 -8.11 -29.45
C CYS B 60 9.25 -7.85 -30.39
N SER B 61 9.65 -8.79 -31.22
CA SER B 61 10.78 -8.61 -32.17
C SER B 61 10.40 -7.67 -33.34
N SER B 62 9.13 -7.29 -33.47
CA SER B 62 8.67 -6.32 -34.49
C SER B 62 8.80 -4.86 -33.99
N TYR B 63 9.02 -4.62 -32.70
CA TYR B 63 9.23 -3.25 -32.14
C TYR B 63 10.73 -3.02 -32.00
N ALA B 64 11.17 -1.76 -31.91
CA ALA B 64 12.58 -1.39 -31.68
C ALA B 64 12.69 -0.50 -30.45
N ILE B 65 13.65 -0.83 -29.59
CA ILE B 65 13.91 -0.10 -28.32
C ILE B 65 14.72 1.17 -28.63
N GLU B 66 14.21 2.32 -28.17
CA GLU B 66 14.94 3.60 -28.12
C GLU B 66 15.96 3.54 -26.98
N LYS B 67 15.51 3.23 -25.75
CA LYS B 67 16.39 3.23 -24.54
C LYS B 67 15.80 2.40 -23.40
N ILE B 68 16.66 2.03 -22.46
CA ILE B 68 16.28 1.30 -21.21
C ILE B 68 16.94 2.07 -20.06
N GLU B 69 16.11 2.61 -19.17
CA GLU B 69 16.59 3.35 -17.97
C GLU B 69 16.38 2.45 -16.76
N ARG B 70 17.39 2.34 -15.88
CA ARG B 70 17.28 1.64 -14.57
C ARG B 70 16.65 2.64 -13.59
N ILE B 71 15.55 2.25 -12.93
CA ILE B 71 14.86 3.10 -11.92
C ILE B 71 15.51 2.88 -10.55
N GLN B 72 16.12 3.93 -10.01
CA GLN B 72 16.74 3.97 -8.66
C GLN B 72 15.82 4.84 -7.79
N ASN B 73 14.87 4.22 -7.09
CA ASN B 73 13.91 4.93 -6.21
C ASN B 73 14.13 4.37 -4.81
N ALA B 74 14.81 5.10 -3.93
CA ALA B 74 15.26 4.55 -2.63
C ALA B 74 14.05 4.12 -1.78
N PHE B 75 13.04 4.97 -1.65
CA PHE B 75 11.82 4.73 -0.82
C PHE B 75 11.01 3.56 -1.39
N LEU B 76 10.76 3.51 -2.69
CA LEU B 76 10.00 2.36 -3.25
C LEU B 76 10.81 1.08 -3.01
N TRP B 77 12.13 1.14 -3.20
CA TRP B 77 13.01 -0.04 -3.02
C TRP B 77 12.88 -0.57 -1.58
N GLN B 78 13.02 0.31 -0.59
CA GLN B 78 12.97 -0.07 0.85
C GLN B 78 11.65 -0.75 1.22
N SER B 79 10.54 -0.13 0.86
CA SER B 79 9.17 -0.60 1.20
C SER B 79 8.93 -1.94 0.49
N TYR B 80 9.30 -2.06 -0.78
CA TYR B 80 9.25 -3.32 -1.55
C TYR B 80 10.09 -4.41 -0.88
N GLN B 81 11.34 -4.11 -0.50
CA GLN B 81 12.27 -5.13 0.08
C GLN B 81 11.73 -5.61 1.44
N VAL B 82 11.08 -4.75 2.22
CA VAL B 82 10.43 -5.16 3.50
C VAL B 82 9.29 -6.16 3.23
N LYS B 83 8.40 -5.84 2.29
CA LYS B 83 7.28 -6.75 1.92
C LYS B 83 7.85 -8.08 1.43
N LYS B 84 8.96 -8.06 0.68
CA LYS B 84 9.56 -9.30 0.16
C LYS B 84 10.07 -10.15 1.34
N ARG B 85 10.72 -9.52 2.31
CA ARG B 85 11.32 -10.26 3.46
C ARG B 85 10.17 -10.89 4.24
N GLN B 86 9.04 -10.18 4.34
CA GLN B 86 7.84 -10.61 5.09
C GLN B 86 7.21 -11.80 4.35
N MET B 87 7.16 -11.77 3.01
CA MET B 87 6.58 -12.88 2.21
C MET B 87 7.54 -14.09 2.22
N ASP B 88 8.86 -13.88 2.08
CA ASP B 88 9.88 -14.97 2.23
C ASP B 88 9.74 -15.66 3.60
N ILE B 89 9.54 -14.91 4.69
CA ILE B 89 9.28 -15.49 6.03
C ILE B 89 7.94 -16.24 5.99
N LYS B 90 6.86 -15.60 5.57
CA LYS B 90 5.49 -16.18 5.73
C LYS B 90 5.36 -17.44 4.87
N ASN B 91 5.95 -17.48 3.66
CA ASN B 91 5.72 -18.61 2.72
C ASN B 91 6.79 -19.70 2.84
N ASP B 92 7.96 -19.40 3.41
CA ASP B 92 9.02 -20.40 3.67
C ASP B 92 9.37 -21.21 2.41
N HIS B 93 10.49 -20.87 1.77
CA HIS B 93 11.16 -21.68 0.72
C HIS B 93 10.30 -21.66 -0.57
N LYS B 94 9.64 -20.55 -0.86
CA LYS B 94 8.99 -20.29 -2.18
C LYS B 94 9.87 -19.28 -2.94
N ASN B 95 9.73 -19.26 -4.26
CA ASN B 95 10.16 -18.14 -5.14
C ASN B 95 8.98 -17.17 -5.24
N ASN B 96 9.04 -16.10 -4.46
CA ASN B 96 7.89 -15.17 -4.30
C ASN B 96 7.94 -14.09 -5.37
N GLU B 97 9.07 -13.97 -6.09
CA GLU B 97 9.34 -12.77 -6.92
C GLU B 97 9.48 -13.18 -8.40
N ARG B 98 8.74 -12.47 -9.25
CA ARG B 98 8.76 -12.70 -10.71
C ARG B 98 9.11 -11.38 -11.38
N LEU B 99 9.73 -11.47 -12.54
CA LEU B 99 10.07 -10.28 -13.35
C LEU B 99 9.01 -10.18 -14.44
N LEU B 100 8.14 -9.16 -14.38
CA LEU B 100 6.99 -9.05 -15.33
C LEU B 100 6.96 -7.66 -15.97
N PHE B 101 6.04 -7.46 -16.90
CA PHE B 101 5.98 -6.24 -17.74
C PHE B 101 4.71 -5.48 -17.38
N HIS B 102 4.78 -4.15 -17.44
CA HIS B 102 3.61 -3.27 -17.31
C HIS B 102 3.68 -2.16 -18.36
N GLY B 103 2.82 -2.18 -19.37
CA GLY B 103 2.72 -1.08 -20.34
C GLY B 103 1.84 0.03 -19.78
N THR B 104 2.21 1.30 -19.95
CA THR B 104 1.33 2.40 -19.50
C THR B 104 1.50 3.59 -20.45
N ASP B 105 0.62 4.59 -20.28
CA ASP B 105 0.64 5.87 -21.03
C ASP B 105 1.76 6.77 -20.48
N ALA B 106 2.23 7.70 -21.33
CA ALA B 106 3.27 8.72 -21.03
C ALA B 106 2.89 9.54 -19.80
N ASP B 107 1.62 9.90 -19.66
CA ASP B 107 1.12 10.78 -18.57
C ASP B 107 1.32 10.11 -17.18
N SER B 108 1.33 8.78 -17.11
CA SER B 108 1.45 8.00 -15.85
C SER B 108 2.92 7.78 -15.46
N VAL B 109 3.87 7.98 -16.38
CA VAL B 109 5.27 7.51 -16.19
C VAL B 109 5.89 8.26 -15.00
N PRO B 110 5.78 9.61 -14.94
CA PRO B 110 6.33 10.37 -13.81
C PRO B 110 5.79 9.88 -12.46
N TYR B 111 4.48 9.66 -12.33
CA TYR B 111 3.83 9.13 -11.10
C TYR B 111 4.45 7.76 -10.73
N VAL B 112 4.49 6.80 -11.66
CA VAL B 112 4.99 5.40 -11.40
C VAL B 112 6.48 5.42 -11.02
N ASN B 113 7.28 6.26 -11.69
CA ASN B 113 8.72 6.44 -11.39
C ASN B 113 8.90 6.83 -9.92
N GLN B 114 8.13 7.79 -9.43
CA GLN B 114 8.22 8.34 -8.03
C GLN B 114 7.46 7.46 -7.03
N HIS B 115 6.27 6.94 -7.40
CA HIS B 115 5.28 6.44 -6.39
C HIS B 115 4.89 4.99 -6.64
N GLY B 116 5.34 4.39 -7.74
CA GLY B 116 5.06 2.99 -8.07
C GLY B 116 3.63 2.78 -8.55
N PHE B 117 3.11 1.58 -8.32
CA PHE B 117 1.86 1.05 -8.94
C PHE B 117 0.71 1.27 -7.97
N ASN B 118 -0.36 1.92 -8.44
CA ASN B 118 -1.48 2.36 -7.57
C ASN B 118 -2.77 1.75 -8.10
N ARG B 119 -3.29 0.70 -7.44
CA ARG B 119 -4.53 -0.03 -7.83
C ARG B 119 -5.68 0.94 -8.07
N SER B 120 -5.76 2.05 -7.31
CA SER B 120 -6.86 3.06 -7.35
C SER B 120 -6.81 3.85 -8.69
N CYS B 121 -5.70 3.78 -9.43
CA CYS B 121 -5.52 4.42 -10.76
C CYS B 121 -5.70 3.40 -11.89
N ALA B 122 -5.78 2.11 -11.58
CA ALA B 122 -5.61 0.98 -12.54
C ALA B 122 -6.80 0.92 -13.52
N GLY B 123 -6.52 0.57 -14.77
CA GLY B 123 -7.55 0.41 -15.82
C GLY B 123 -8.28 -0.90 -15.63
N LYS B 124 -9.56 -0.95 -16.01
CA LYS B 124 -10.29 -2.23 -16.13
C LYS B 124 -9.65 -3.01 -17.26
N ASN B 125 -9.10 -4.20 -16.98
CA ASN B 125 -8.51 -5.07 -18.03
C ASN B 125 -9.66 -5.66 -18.86
N ALA B 126 -9.38 -6.01 -20.11
CA ALA B 126 -10.37 -6.53 -21.08
C ALA B 126 -10.86 -7.93 -20.64
N VAL B 127 -9.99 -8.75 -20.05
CA VAL B 127 -10.35 -9.93 -19.23
C VAL B 127 -9.96 -9.63 -17.78
N SER B 128 -10.94 -9.33 -16.91
CA SER B 128 -10.67 -8.90 -15.53
C SER B 128 -10.64 -10.10 -14.58
N TYR B 129 -9.53 -10.26 -13.83
CA TYR B 129 -9.37 -11.30 -12.77
C TYR B 129 -9.22 -10.61 -11.41
N GLY B 130 -9.66 -9.35 -11.32
CA GLY B 130 -9.77 -8.59 -10.07
C GLY B 130 -9.47 -7.14 -10.32
N LYS B 131 -9.90 -6.29 -9.39
CA LYS B 131 -9.63 -4.82 -9.41
C LYS B 131 -8.29 -4.58 -8.72
N GLY B 132 -7.23 -4.55 -9.49
CA GLY B 132 -5.86 -4.45 -8.98
C GLY B 132 -4.92 -3.97 -10.06
N THR B 133 -3.62 -4.05 -9.79
CA THR B 133 -2.60 -3.72 -10.82
C THR B 133 -2.24 -4.99 -11.57
N TYR B 134 -2.29 -4.94 -12.91
CA TYR B 134 -2.01 -6.09 -13.82
C TYR B 134 -0.53 -6.05 -14.26
N PHE B 135 0.09 -7.22 -14.34
CA PHE B 135 1.45 -7.42 -14.89
C PHE B 135 1.40 -8.59 -15.87
N ALA B 136 2.14 -8.48 -16.98
CA ALA B 136 2.19 -9.50 -18.04
C ALA B 136 3.50 -10.29 -17.93
N VAL B 137 3.40 -11.57 -18.21
CA VAL B 137 4.56 -12.50 -18.38
C VAL B 137 5.28 -12.17 -19.69
N ASP B 138 4.52 -11.87 -20.74
CA ASP B 138 5.03 -11.62 -22.12
C ASP B 138 4.99 -10.12 -22.39
N ALA B 139 6.11 -9.58 -22.88
CA ALA B 139 6.24 -8.19 -23.35
C ALA B 139 5.16 -7.88 -24.38
N SER B 140 4.84 -8.84 -25.26
CA SER B 140 3.83 -8.69 -26.35
C SER B 140 2.48 -8.23 -25.80
N TYR B 141 2.07 -8.71 -24.62
CA TYR B 141 0.77 -8.29 -24.01
C TYR B 141 0.85 -6.81 -23.62
N SER B 142 1.89 -6.43 -22.92
CA SER B 142 2.13 -5.03 -22.51
C SER B 142 2.31 -4.12 -23.74
N ALA B 143 2.73 -4.64 -24.91
CA ALA B 143 3.08 -3.79 -26.09
C ALA B 143 1.81 -3.37 -26.86
N LYS B 144 0.65 -3.91 -26.49
CA LYS B 144 -0.65 -3.50 -27.10
C LYS B 144 -0.86 -2.02 -26.79
N ASP B 145 -1.44 -1.30 -27.75
CA ASP B 145 -1.62 0.17 -27.73
C ASP B 145 -2.57 0.54 -26.58
N THR B 146 -3.44 -0.38 -26.17
CA THR B 146 -4.38 -0.22 -25.04
C THR B 146 -3.65 -0.03 -23.71
N TYR B 147 -2.43 -0.57 -23.54
CA TYR B 147 -1.61 -0.46 -22.29
C TYR B 147 -0.46 0.52 -22.50
N SER B 148 0.48 0.20 -23.41
CA SER B 148 1.58 1.13 -23.77
C SER B 148 1.10 2.07 -24.90
N LYS B 149 0.22 3.00 -24.57
CA LYS B 149 -0.33 4.00 -25.53
C LYS B 149 0.80 4.83 -26.13
N PRO B 150 0.98 4.80 -27.46
CA PRO B 150 2.00 5.60 -28.12
C PRO B 150 1.79 7.08 -27.76
N ASP B 151 2.82 7.82 -27.35
CA ASP B 151 2.66 9.28 -27.07
C ASP B 151 2.58 10.08 -28.40
N SER B 152 2.52 11.41 -28.32
CA SER B 152 2.44 12.32 -29.50
C SER B 152 3.66 12.17 -30.44
N ASN B 153 4.76 11.53 -30.01
CA ASN B 153 5.96 11.29 -30.85
C ASN B 153 6.07 9.83 -31.25
N GLY B 154 5.05 9.02 -30.97
CA GLY B 154 5.10 7.56 -31.24
C GLY B 154 5.96 6.79 -30.25
N ARG B 155 6.36 7.34 -29.12
CA ARG B 155 7.09 6.53 -28.11
C ARG B 155 6.06 5.72 -27.31
N LYS B 156 6.27 4.41 -27.25
CA LYS B 156 5.57 3.50 -26.32
C LYS B 156 6.48 3.24 -25.10
N HIS B 157 5.89 3.01 -23.93
CA HIS B 157 6.57 2.90 -22.61
C HIS B 157 6.10 1.65 -21.87
N MET B 158 7.05 0.85 -21.39
CA MET B 158 6.79 -0.43 -20.70
C MET B 158 7.81 -0.59 -19.60
N TYR B 159 7.35 -0.83 -18.37
CA TYR B 159 8.21 -1.11 -17.18
C TYR B 159 8.50 -2.61 -17.10
N VAL B 160 9.72 -2.90 -16.65
CA VAL B 160 10.08 -4.27 -16.20
C VAL B 160 10.09 -4.20 -14.68
N VAL B 161 9.32 -5.08 -14.04
CA VAL B 161 8.83 -4.91 -12.64
C VAL B 161 9.15 -6.18 -11.88
N ARG B 162 9.80 -6.05 -10.72
CA ARG B 162 9.90 -7.15 -9.74
C ARG B 162 8.58 -7.17 -9.00
N VAL B 163 7.85 -8.28 -9.06
CA VAL B 163 6.45 -8.35 -8.55
C VAL B 163 6.38 -9.50 -7.57
N LEU B 164 5.81 -9.28 -6.38
CA LEU B 164 5.75 -10.35 -5.34
C LEU B 164 4.47 -11.15 -5.59
N THR B 165 4.55 -12.13 -6.49
CA THR B 165 3.40 -12.96 -6.94
C THR B 165 3.09 -14.02 -5.88
N GLY B 166 4.11 -14.45 -5.15
CA GLY B 166 3.95 -15.31 -3.95
C GLY B 166 3.24 -16.61 -4.28
N VAL B 167 2.30 -17.00 -3.42
CA VAL B 167 1.37 -18.13 -3.69
C VAL B 167 0.11 -17.52 -4.34
N PHE B 168 -0.32 -18.05 -5.48
CA PHE B 168 -1.33 -17.38 -6.33
C PHE B 168 -2.43 -18.37 -6.77
N THR B 169 -3.60 -17.83 -7.12
CA THR B 169 -4.73 -18.65 -7.60
C THR B 169 -5.36 -17.93 -8.79
N LYS B 170 -6.32 -18.58 -9.44
CA LYS B 170 -7.12 -17.95 -10.51
C LYS B 170 -8.01 -16.89 -9.88
N GLY B 171 -7.99 -15.68 -10.43
CA GLY B 171 -8.81 -14.58 -9.91
C GLY B 171 -10.23 -14.62 -10.45
N ARG B 172 -11.00 -13.62 -10.06
CA ARG B 172 -12.43 -13.39 -10.38
C ARG B 172 -12.61 -11.89 -10.43
N ALA B 173 -13.40 -11.40 -11.38
CA ALA B 173 -13.65 -9.98 -11.67
C ALA B 173 -13.92 -9.15 -10.39
N GLY B 174 -14.64 -9.69 -9.40
CA GLY B 174 -15.11 -8.92 -8.23
C GLY B 174 -14.06 -8.68 -7.13
N LEU B 175 -12.91 -9.37 -7.17
CA LEU B 175 -11.89 -9.28 -6.08
C LEU B 175 -11.39 -7.84 -5.95
N VAL B 176 -11.39 -7.31 -4.72
CA VAL B 176 -10.72 -6.03 -4.34
C VAL B 176 -9.44 -6.33 -3.54
N THR B 177 -9.33 -7.56 -3.00
CA THR B 177 -8.11 -8.15 -2.40
C THR B 177 -7.98 -9.57 -2.92
N PRO B 178 -6.83 -10.24 -2.76
CA PRO B 178 -6.73 -11.63 -3.18
C PRO B 178 -7.71 -12.39 -2.29
N PRO B 179 -8.15 -13.57 -2.72
CA PRO B 179 -9.10 -14.37 -1.96
C PRO B 179 -8.41 -15.14 -0.85
N PRO B 180 -9.17 -15.63 0.15
CA PRO B 180 -8.58 -16.48 1.18
C PRO B 180 -8.11 -17.81 0.59
N LYS B 181 -7.08 -18.41 1.15
CA LYS B 181 -6.67 -19.81 0.84
C LYS B 181 -7.74 -20.80 1.32
N ASN B 182 -8.44 -20.42 2.40
CA ASN B 182 -9.41 -21.26 3.14
C ASN B 182 -10.63 -20.40 3.49
N PRO B 183 -11.84 -20.72 2.98
CA PRO B 183 -13.05 -19.98 3.32
C PRO B 183 -13.39 -19.85 4.82
N HIS B 184 -12.85 -20.71 5.69
CA HIS B 184 -13.11 -20.69 7.16
C HIS B 184 -12.06 -19.84 7.88
N ASN B 185 -11.08 -19.33 7.14
CA ASN B 185 -10.04 -18.39 7.64
C ASN B 185 -9.96 -17.23 6.64
N PRO B 186 -10.96 -16.32 6.66
CA PRO B 186 -11.09 -15.31 5.62
C PRO B 186 -9.91 -14.33 5.53
N THR B 187 -9.06 -14.21 6.55
CA THR B 187 -7.95 -13.20 6.56
C THR B 187 -6.61 -13.82 6.16
N ASP B 188 -6.52 -15.12 5.90
CA ASP B 188 -5.21 -15.73 5.48
C ASP B 188 -5.25 -15.92 3.96
N LEU B 189 -4.58 -15.03 3.23
CA LEU B 189 -4.88 -14.69 1.80
C LEU B 189 -3.81 -15.29 0.90
N PHE B 190 -4.19 -15.60 -0.35
CA PHE B 190 -3.24 -15.71 -1.49
C PHE B 190 -2.48 -14.37 -1.60
N ASP B 191 -1.26 -14.40 -2.17
CA ASP B 191 -0.43 -13.18 -2.31
C ASP B 191 -0.88 -12.43 -3.58
N SER B 192 -1.24 -13.14 -4.66
CA SER B 192 -1.71 -12.57 -5.95
C SER B 192 -2.73 -13.50 -6.59
N VAL B 193 -3.27 -13.10 -7.73
CA VAL B 193 -4.10 -13.98 -8.60
C VAL B 193 -3.55 -13.87 -10.02
N THR B 194 -3.98 -14.81 -10.85
CA THR B 194 -3.50 -15.02 -12.24
C THR B 194 -4.70 -15.35 -13.12
N ASN B 195 -4.49 -15.54 -14.41
CA ASN B 195 -5.56 -15.87 -15.38
C ASN B 195 -5.73 -17.38 -15.41
N ASN B 196 -4.66 -18.09 -15.10
CA ASN B 196 -4.54 -19.56 -15.27
C ASN B 196 -3.34 -20.06 -14.46
N THR B 197 -3.59 -20.88 -13.45
CA THR B 197 -2.56 -21.36 -12.47
C THR B 197 -1.55 -22.28 -13.18
N ARG B 198 -1.99 -23.07 -14.16
CA ARG B 198 -1.12 -24.02 -14.94
C ARG B 198 -0.25 -23.27 -15.95
N SER B 199 -0.77 -22.32 -16.74
CA SER B 199 0.04 -21.46 -17.64
C SER B 199 -0.25 -19.98 -17.38
N PRO B 200 0.33 -19.38 -16.31
CA PRO B 200 0.06 -17.98 -16.01
C PRO B 200 0.67 -17.06 -17.07
N LYS B 201 -0.12 -16.14 -17.62
CA LYS B 201 0.34 -15.08 -18.55
C LYS B 201 0.13 -13.69 -17.92
N LEU B 202 -0.68 -13.56 -16.86
CA LEU B 202 -0.81 -12.26 -16.15
C LEU B 202 -1.00 -12.47 -14.65
N PHE B 203 -0.63 -11.45 -13.90
CA PHE B 203 -0.77 -11.45 -12.43
C PHE B 203 -1.41 -10.15 -12.00
N VAL B 204 -2.19 -10.23 -10.93
CA VAL B 204 -2.86 -9.04 -10.36
C VAL B 204 -2.43 -8.92 -8.92
N VAL B 205 -2.11 -7.70 -8.47
CA VAL B 205 -1.73 -7.47 -7.06
C VAL B 205 -2.56 -6.31 -6.53
N PHE B 206 -2.85 -6.36 -5.22
CA PHE B 206 -3.94 -5.57 -4.62
C PHE B 206 -3.41 -4.67 -3.51
N PHE B 207 -2.09 -4.63 -3.34
CA PHE B 207 -1.42 -3.91 -2.22
C PHE B 207 -0.25 -3.08 -2.75
N ASP B 208 -0.05 -1.94 -2.10
CA ASP B 208 1.12 -1.05 -2.33
C ASP B 208 2.39 -1.80 -1.95
N ASN B 209 3.44 -1.52 -2.71
CA ASN B 209 4.84 -1.91 -2.42
C ASN B 209 4.99 -3.41 -2.66
N GLN B 210 4.10 -4.02 -3.45
CA GLN B 210 4.16 -5.46 -3.82
C GLN B 210 4.90 -5.61 -5.16
N ALA B 211 5.17 -4.49 -5.81
CA ALA B 211 5.79 -4.40 -7.16
C ALA B 211 6.87 -3.31 -7.09
N TYR B 212 8.08 -3.56 -7.61
CA TYR B 212 9.11 -2.51 -7.77
C TYR B 212 9.35 -2.25 -9.27
N PRO B 213 9.11 -1.02 -9.76
CA PRO B 213 9.41 -0.71 -11.17
C PRO B 213 10.94 -0.61 -11.30
N GLU B 214 11.58 -1.59 -11.94
CA GLU B 214 13.06 -1.72 -12.03
C GLU B 214 13.60 -0.99 -13.26
N TYR B 215 12.99 -1.20 -14.44
CA TYR B 215 13.43 -0.58 -15.71
C TYR B 215 12.21 -0.03 -16.47
N LEU B 216 12.42 1.09 -17.16
CA LEU B 216 11.50 1.68 -18.16
C LEU B 216 12.11 1.49 -19.54
N ILE B 217 11.38 0.77 -20.39
CA ILE B 217 11.72 0.58 -21.82
C ILE B 217 10.91 1.61 -22.59
N THR B 218 11.59 2.48 -23.33
CA THR B 218 10.96 3.37 -24.34
C THR B 218 11.18 2.71 -25.70
N PHE B 219 10.13 2.58 -26.51
CA PHE B 219 10.21 1.86 -27.80
C PHE B 219 9.22 2.44 -28.80
N THR B 220 9.40 2.02 -30.05
CA THR B 220 8.68 2.53 -31.24
C THR B 220 8.45 1.34 -32.16
N ALA B 221 7.52 1.47 -33.11
CA ALA B 221 7.49 0.69 -34.36
C ALA B 221 8.77 1.01 -35.16
#